data_4FER
#
_entry.id   4FER
#
_cell.length_a   58.205
_cell.length_b   58.205
_cell.length_c   147.277
_cell.angle_alpha   90.00
_cell.angle_beta   90.00
_cell.angle_gamma   120.00
#
_symmetry.space_group_name_H-M   'P 31'
#
loop_
_entity.id
_entity.type
_entity.pdbx_description
1 polymer Expansin-yoaJ
2 branched beta-D-glucopyranose-(1-4)-beta-D-glucopyranose-(1-4)-beta-D-glucopyranose-(1-4)-beta-D-glucopyranose-(1-4)-beta-D-glucopyranose-(1-4)-beta-D-glucopyranose
3 non-polymer 'ACETIC ACID'
4 non-polymer GLYCEROL
5 non-polymer 'SULFATE ION'
6 water water
#
_entity_poly.entity_id   1
_entity_poly.type   'polypeptide(L)'
_entity_poly.pdbx_seq_one_letter_code
;MAYDDLHEGYATYTGSGYSGGAFLLDPIPSDMEITAINPADLNYGGVKAALAGSYLEVEGPKGKTTVYVTDLYPEGARGA
LDLSPNAFRKIGNMKDGKINIKWRVVKAPITGNFTYRIKEGSSRWWAAIQVRNHKYPVMKMEYEKDGKWINMEKMDYNHF
VSTNLGTGSLKVRMTDIRGKVVKDTIPKLPESGTSKAYTVPGHVQFPE
;
_entity_poly.pdbx_strand_id   A,B
#
# COMPACT_ATOMS: atom_id res chain seq x y z
N ALA A 2 20.12 -22.30 -13.31
CA ALA A 2 19.97 -23.04 -14.50
C ALA A 2 21.06 -24.11 -14.43
N TYR A 3 20.81 -25.33 -14.92
CA TYR A 3 21.94 -26.25 -15.06
C TYR A 3 22.72 -25.88 -16.28
N ASP A 4 22.04 -25.81 -17.43
CA ASP A 4 22.69 -25.25 -18.62
C ASP A 4 21.84 -24.12 -19.22
N ASP A 5 22.48 -23.20 -19.93
CA ASP A 5 21.81 -21.99 -20.41
C ASP A 5 22.83 -21.33 -21.35
N LEU A 6 22.37 -20.42 -22.21
CA LEU A 6 23.27 -19.78 -23.16
C LEU A 6 22.65 -18.53 -23.79
N HIS A 7 23.41 -17.44 -23.80
CA HIS A 7 23.00 -16.20 -24.48
C HIS A 7 24.18 -15.58 -25.20
N GLU A 8 23.87 -14.89 -26.29
CA GLU A 8 24.86 -14.08 -26.99
C GLU A 8 24.41 -12.63 -27.00
N GLY A 9 25.37 -11.73 -27.00
CA GLY A 9 25.06 -10.31 -27.06
C GLY A 9 26.33 -9.51 -26.96
N TYR A 10 26.20 -8.31 -26.42
CA TYR A 10 27.34 -7.40 -26.30
C TYR A 10 27.40 -6.87 -24.89
N ALA A 11 28.60 -6.53 -24.45
CA ALA A 11 28.79 -5.91 -23.15
C ALA A 11 29.49 -4.57 -23.28
N THR A 12 29.11 -3.62 -22.42
CA THR A 12 29.90 -2.42 -22.23
C THR A 12 30.26 -2.38 -20.75
N TYR A 13 30.74 -1.26 -20.24
CA TYR A 13 31.04 -1.20 -18.82
C TYR A 13 30.65 0.11 -18.15
N THR A 14 30.54 0.06 -16.82
CA THR A 14 29.92 1.13 -16.06
C THR A 14 30.41 1.10 -14.63
N GLY A 15 30.36 2.25 -13.96
CA GLY A 15 30.75 2.32 -12.57
C GLY A 15 29.54 2.24 -11.65
N SER A 16 28.35 2.20 -12.24
CA SER A 16 27.13 2.21 -11.46
C SER A 16 26.89 0.81 -10.89
N GLY A 17 25.83 0.67 -10.10
CA GLY A 17 25.42 -0.64 -9.63
C GLY A 17 25.94 -1.10 -8.27
N TYR A 18 26.98 -0.43 -7.74
CA TYR A 18 27.54 -0.82 -6.43
C TYR A 18 26.68 -0.27 -5.32
N SER A 19 26.07 0.87 -5.58
CA SER A 19 25.26 1.50 -4.58
C SER A 19 24.04 2.04 -5.31
N GLY A 20 22.85 1.87 -4.72
CA GLY A 20 21.64 2.43 -5.29
C GLY A 20 21.13 1.76 -6.55
N GLY A 21 21.62 0.54 -6.83
CA GLY A 21 21.08 -0.24 -7.93
C GLY A 21 19.60 -0.53 -7.77
N ALA A 22 18.92 -0.84 -8.88
CA ALA A 22 17.47 -0.98 -8.88
C ALA A 22 16.99 -2.18 -8.06
N PHE A 23 17.86 -3.16 -7.85
CA PHE A 23 17.41 -4.38 -7.14
C PHE A 23 17.60 -4.31 -5.63
N LEU A 24 18.01 -3.14 -5.12
CA LEU A 24 18.09 -2.92 -3.67
C LEU A 24 18.87 -4.05 -2.98
N LEU A 25 20.00 -4.41 -3.57
CA LEU A 25 20.86 -5.47 -3.05
C LEU A 25 22.03 -4.92 -2.22
N ASP A 26 22.08 -3.60 -2.01
CA ASP A 26 23.17 -2.98 -1.22
C ASP A 26 23.23 -3.61 0.18
N PRO A 27 24.41 -3.63 0.82
CA PRO A 27 25.68 -3.09 0.33
C PRO A 27 26.35 -4.09 -0.59
N ILE A 28 27.02 -3.58 -1.63
CA ILE A 28 27.80 -4.41 -2.52
C ILE A 28 29.27 -4.07 -2.29
N PRO A 29 30.06 -5.03 -1.82
CA PRO A 29 31.51 -4.80 -1.62
C PRO A 29 32.15 -4.32 -2.92
N SER A 30 33.00 -3.31 -2.83
CA SER A 30 33.52 -2.62 -4.02
C SER A 30 34.35 -3.52 -4.94
N ASP A 31 34.90 -4.60 -4.40
CA ASP A 31 35.73 -5.47 -5.22
C ASP A 31 34.96 -6.69 -5.75
N MET A 32 33.65 -6.69 -5.56
CA MET A 32 32.81 -7.70 -6.19
C MET A 32 32.73 -7.43 -7.71
N GLU A 33 32.68 -8.47 -8.52
CA GLU A 33 32.40 -8.29 -9.95
C GLU A 33 30.89 -8.31 -10.18
N ILE A 34 30.34 -7.28 -10.81
CA ILE A 34 28.90 -7.18 -10.94
C ILE A 34 28.48 -6.80 -12.34
N THR A 35 27.18 -6.78 -12.57
CA THR A 35 26.67 -6.36 -13.86
C THR A 35 25.27 -5.77 -13.74
N ALA A 36 24.96 -4.88 -14.68
CA ALA A 36 23.58 -4.50 -14.95
C ALA A 36 23.08 -5.34 -16.12
N ILE A 37 21.78 -5.58 -16.17
CA ILE A 37 21.24 -6.51 -17.15
C ILE A 37 20.06 -5.90 -17.91
N ASN A 38 20.02 -6.16 -19.22
CA ASN A 38 18.95 -5.66 -20.07
C ASN A 38 17.58 -6.17 -19.61
N PRO A 39 16.54 -5.36 -19.81
CA PRO A 39 15.21 -5.65 -19.28
C PRO A 39 14.59 -6.92 -19.84
N ALA A 40 14.81 -7.22 -21.11
CA ALA A 40 14.19 -8.40 -21.68
C ALA A 40 14.68 -9.68 -20.98
N ASP A 41 16.00 -9.80 -20.80
CA ASP A 41 16.56 -10.98 -20.10
C ASP A 41 16.33 -10.92 -18.59
N LEU A 42 16.31 -9.73 -18.02
CA LEU A 42 16.03 -9.55 -16.59
C LEU A 42 14.68 -10.15 -16.22
N ASN A 43 13.67 -9.85 -17.05
CA ASN A 43 12.29 -10.25 -16.80
C ASN A 43 11.94 -11.58 -17.47
N TYR A 44 12.86 -12.53 -17.36
CA TYR A 44 12.66 -13.86 -17.89
C TYR A 44 11.36 -14.52 -17.42
N GLY A 45 10.69 -15.22 -18.34
CA GLY A 45 9.50 -15.98 -17.98
C GLY A 45 8.32 -15.11 -17.55
N GLY A 46 8.38 -13.83 -17.88
CA GLY A 46 7.33 -12.91 -17.50
C GLY A 46 7.35 -12.53 -16.03
N VAL A 47 8.47 -12.78 -15.35
CA VAL A 47 8.62 -12.44 -13.93
C VAL A 47 9.53 -11.20 -13.81
N LYS A 48 9.00 -10.10 -13.29
CA LYS A 48 9.80 -8.90 -13.12
C LYS A 48 10.98 -9.19 -12.19
N ALA A 49 12.18 -8.77 -12.59
CA ALA A 49 13.39 -8.98 -11.81
C ALA A 49 13.68 -10.46 -11.56
N ALA A 50 13.25 -11.32 -12.48
CA ALA A 50 13.53 -12.76 -12.34
C ALA A 50 15.03 -13.00 -12.09
N LEU A 51 15.86 -12.28 -12.83
CA LEU A 51 17.31 -12.53 -12.76
C LEU A 51 18.07 -11.61 -11.78
N ALA A 52 17.34 -10.81 -11.01
CA ALA A 52 18.00 -9.97 -10.01
C ALA A 52 18.69 -10.88 -8.97
N GLY A 53 19.95 -10.60 -8.68
CA GLY A 53 20.65 -11.35 -7.65
C GLY A 53 21.08 -12.72 -8.18
N SER A 54 20.94 -12.93 -9.48
CA SER A 54 21.53 -14.11 -10.11
C SER A 54 23.02 -13.88 -10.31
N TYR A 55 23.75 -14.94 -10.63
CA TYR A 55 25.14 -14.87 -11.09
C TYR A 55 25.25 -15.36 -12.53
N LEU A 56 26.04 -14.67 -13.33
CA LEU A 56 26.24 -15.05 -14.72
C LEU A 56 27.70 -15.35 -14.96
N GLU A 57 27.98 -16.39 -15.72
CA GLU A 57 29.33 -16.55 -16.24
C GLU A 57 29.38 -15.88 -17.60
N VAL A 58 30.35 -15.00 -17.79
CA VAL A 58 30.37 -14.23 -19.00
C VAL A 58 31.69 -14.46 -19.73
N GLU A 59 31.61 -14.77 -21.01
CA GLU A 59 32.80 -15.01 -21.83
C GLU A 59 32.95 -13.90 -22.86
N GLY A 60 34.11 -13.28 -22.89
CA GLY A 60 34.42 -12.28 -23.90
C GLY A 60 35.63 -12.72 -24.70
N PRO A 61 36.22 -11.83 -25.50
CA PRO A 61 37.39 -12.14 -26.34
C PRO A 61 38.61 -12.63 -25.56
N LYS A 62 38.80 -12.15 -24.33
CA LYS A 62 40.02 -12.42 -23.57
C LYS A 62 39.91 -13.50 -22.49
N GLY A 63 38.68 -13.93 -22.16
CA GLY A 63 38.49 -14.92 -21.11
C GLY A 63 37.05 -15.02 -20.59
N LYS A 64 36.90 -15.69 -19.45
CA LYS A 64 35.59 -15.82 -18.79
C LYS A 64 35.67 -15.31 -17.37
N THR A 65 34.54 -14.85 -16.83
CA THR A 65 34.49 -14.47 -15.44
C THR A 65 33.04 -14.55 -14.94
N THR A 66 32.85 -14.47 -13.63
CA THR A 66 31.50 -14.58 -13.08
C THR A 66 31.08 -13.26 -12.43
N VAL A 67 29.83 -12.85 -12.68
CA VAL A 67 29.29 -11.59 -12.17
C VAL A 67 27.98 -11.74 -11.40
N TYR A 68 27.79 -10.86 -10.41
CA TYR A 68 26.56 -10.76 -9.63
C TYR A 68 25.66 -9.71 -10.26
N VAL A 69 24.39 -10.04 -10.49
CA VAL A 69 23.48 -9.13 -11.17
C VAL A 69 22.77 -8.19 -10.19
N THR A 70 23.13 -6.91 -10.23
CA THR A 70 22.71 -6.00 -9.18
C THR A 70 21.84 -4.86 -9.68
N ASP A 71 21.76 -4.70 -10.99
CA ASP A 71 21.06 -3.52 -11.50
C ASP A 71 20.43 -3.79 -12.85
N LEU A 72 19.49 -2.92 -13.20
CA LEU A 72 18.88 -2.89 -14.51
C LEU A 72 19.74 -2.09 -15.49
N TYR A 73 19.85 -2.60 -16.72
CA TYR A 73 20.50 -1.89 -17.84
C TYR A 73 19.41 -1.39 -18.81
N PRO A 74 18.85 -0.19 -18.55
CA PRO A 74 17.59 0.23 -19.20
C PRO A 74 17.71 0.28 -20.73
N GLU A 75 18.85 0.75 -21.22
CA GLU A 75 19.04 0.93 -22.66
C GLU A 75 19.57 -0.32 -23.36
N GLY A 76 19.56 -1.46 -22.67
CA GLY A 76 20.12 -2.68 -23.22
C GLY A 76 19.19 -3.49 -24.11
N ALA A 77 19.70 -3.92 -25.26
CA ALA A 77 19.01 -4.89 -26.10
C ALA A 77 19.08 -6.30 -25.49
N ARG A 78 18.34 -7.23 -26.07
CA ARG A 78 18.45 -8.64 -25.74
C ARG A 78 19.92 -9.04 -25.70
N GLY A 79 20.29 -9.85 -24.70
CA GLY A 79 21.65 -10.33 -24.56
C GLY A 79 22.68 -9.33 -24.00
N ALA A 80 22.31 -8.05 -23.94
CA ALA A 80 23.24 -7.01 -23.52
C ALA A 80 23.45 -6.96 -22.00
N LEU A 81 24.71 -6.78 -21.61
CA LEU A 81 25.13 -6.66 -20.21
C LEU A 81 25.97 -5.40 -20.03
N ASP A 82 25.93 -4.81 -18.84
CA ASP A 82 26.78 -3.65 -18.52
C ASP A 82 27.61 -3.99 -17.28
N LEU A 83 28.84 -4.40 -17.53
CA LEU A 83 29.72 -4.98 -16.51
C LEU A 83 30.48 -3.94 -15.71
N SER A 84 30.89 -4.31 -14.49
CA SER A 84 31.81 -3.48 -13.73
C SER A 84 33.17 -3.57 -14.39
N PRO A 85 34.01 -2.55 -14.21
CA PRO A 85 35.36 -2.53 -14.80
C PRO A 85 36.23 -3.73 -14.39
N ASN A 86 36.20 -4.12 -13.12
CA ASN A 86 36.98 -5.28 -12.68
C ASN A 86 36.55 -6.62 -13.31
N ALA A 87 35.32 -6.68 -13.83
CA ALA A 87 34.88 -7.85 -14.58
C ALA A 87 35.25 -7.71 -16.05
N PHE A 88 34.92 -6.57 -16.65
CA PHE A 88 35.17 -6.32 -18.07
C PHE A 88 36.65 -6.53 -18.43
N ARG A 89 37.57 -6.04 -17.60
CA ARG A 89 38.99 -6.13 -17.91
C ARG A 89 39.52 -7.57 -17.88
N LYS A 90 38.76 -8.48 -17.25
CA LYS A 90 39.13 -9.89 -17.25
C LYS A 90 38.78 -10.61 -18.55
N ILE A 91 37.78 -10.10 -19.27
CA ILE A 91 37.31 -10.80 -20.47
C ILE A 91 37.51 -9.99 -21.75
N GLY A 92 37.92 -8.74 -21.60
CA GLY A 92 38.16 -7.89 -22.75
C GLY A 92 39.07 -6.72 -22.47
N ASN A 93 39.33 -5.91 -23.50
CA ASN A 93 40.22 -4.75 -23.38
C ASN A 93 39.41 -3.50 -23.12
N MET A 94 39.76 -2.78 -22.06
CA MET A 94 39.08 -1.55 -21.67
C MET A 94 39.12 -0.45 -22.74
N LYS A 95 39.99 -0.60 -23.73
CA LYS A 95 40.07 0.36 -24.83
C LYS A 95 38.86 0.24 -25.73
N ASP A 96 38.16 -0.89 -25.64
CA ASP A 96 36.93 -1.08 -26.40
C ASP A 96 35.76 -0.55 -25.56
N GLY A 97 34.84 0.15 -26.21
CA GLY A 97 33.63 0.61 -25.52
C GLY A 97 32.59 -0.49 -25.51
N LYS A 98 32.88 -1.58 -26.21
CA LYS A 98 31.88 -2.61 -26.49
C LYS A 98 32.55 -3.90 -26.97
N ILE A 99 32.11 -5.05 -26.47
CA ILE A 99 32.66 -6.35 -26.89
C ILE A 99 31.56 -7.37 -27.10
N ASN A 100 31.83 -8.37 -27.93
CA ASN A 100 30.95 -9.54 -28.08
C ASN A 100 31.10 -10.46 -26.89
N ILE A 101 29.98 -10.97 -26.39
CA ILE A 101 30.04 -11.88 -25.25
C ILE A 101 29.09 -13.06 -25.44
N LYS A 102 29.38 -14.15 -24.75
CA LYS A 102 28.41 -15.20 -24.50
C LYS A 102 28.24 -15.29 -22.98
N TRP A 103 27.02 -15.55 -22.51
CA TRP A 103 26.84 -15.70 -21.07
C TRP A 103 25.74 -16.67 -20.70
N ARG A 104 25.74 -17.08 -19.44
CA ARG A 104 24.74 -18.02 -18.96
C ARG A 104 24.56 -17.83 -17.46
N VAL A 105 23.34 -18.09 -16.99
CA VAL A 105 23.06 -18.18 -15.56
C VAL A 105 23.82 -19.40 -15.02
N VAL A 106 24.48 -19.21 -13.89
CA VAL A 106 25.22 -20.30 -13.25
C VAL A 106 24.90 -20.31 -11.77
N LYS A 107 25.28 -21.40 -11.11
CA LYS A 107 25.13 -21.51 -9.67
C LYS A 107 25.91 -20.38 -9.00
N ALA A 108 25.29 -19.75 -8.02
CA ALA A 108 25.96 -18.71 -7.25
C ALA A 108 27.15 -19.29 -6.50
N PRO A 109 28.31 -18.61 -6.54
CA PRO A 109 29.45 -19.09 -5.77
C PRO A 109 29.32 -18.69 -4.31
N ILE A 110 28.35 -19.24 -3.61
CA ILE A 110 28.05 -18.82 -2.26
C ILE A 110 27.91 -20.04 -1.34
N THR A 111 27.82 -19.79 -0.05
CA THR A 111 27.57 -20.87 0.90
C THR A 111 26.44 -20.45 1.80
N GLY A 112 25.89 -21.41 2.53
CA GLY A 112 24.84 -21.12 3.50
C GLY A 112 23.45 -20.94 2.90
N ASN A 113 22.54 -20.44 3.71
CA ASN A 113 21.13 -20.37 3.35
C ASN A 113 20.71 -18.99 2.86
N PHE A 114 19.47 -18.90 2.40
CA PHE A 114 18.85 -17.64 2.06
C PHE A 114 18.92 -16.71 3.27
N THR A 115 18.97 -15.40 3.02
CA THR A 115 18.52 -14.44 4.02
C THR A 115 17.39 -13.65 3.39
N TYR A 116 16.48 -13.15 4.21
CA TYR A 116 15.35 -12.37 3.70
C TYR A 116 15.48 -10.94 4.11
N ARG A 117 15.02 -10.03 3.26
CA ARG A 117 15.03 -8.62 3.60
C ARG A 117 13.59 -8.13 3.62
N ILE A 118 13.17 -7.62 4.77
CA ILE A 118 11.81 -7.12 4.93
C ILE A 118 11.85 -5.60 4.73
N LYS A 119 11.20 -5.13 3.68
CA LYS A 119 11.27 -3.74 3.28
C LYS A 119 10.58 -2.83 4.29
N GLU A 120 11.13 -1.63 4.47
CA GLU A 120 10.50 -0.66 5.35
C GLU A 120 9.07 -0.38 4.85
N GLY A 121 8.15 -0.26 5.79
CA GLY A 121 6.75 -0.09 5.46
C GLY A 121 5.98 -1.40 5.51
N SER A 122 6.68 -2.53 5.66
CA SER A 122 5.99 -3.81 5.59
C SER A 122 5.14 -4.02 6.84
N SER A 123 3.97 -4.65 6.66
CA SER A 123 3.11 -5.01 7.77
C SER A 123 2.27 -6.21 7.39
N ARG A 124 1.32 -6.58 8.25
CA ARG A 124 0.34 -7.63 7.95
C ARG A 124 -0.55 -7.23 6.78
N TRP A 125 -0.62 -5.93 6.52
CA TRP A 125 -1.48 -5.38 5.47
C TRP A 125 -0.84 -5.35 4.08
N TRP A 126 0.47 -5.14 4.06
CA TRP A 126 1.25 -5.07 2.83
C TRP A 126 2.69 -5.34 3.24
N ALA A 127 3.38 -6.19 2.50
CA ALA A 127 4.78 -6.45 2.79
C ALA A 127 5.54 -6.68 1.49
N ALA A 128 6.81 -6.29 1.50
CA ALA A 128 7.70 -6.56 0.38
C ALA A 128 8.91 -7.33 0.93
N ILE A 129 9.11 -8.54 0.41
CA ILE A 129 10.12 -9.44 0.98
C ILE A 129 11.08 -9.82 -0.12
N GLN A 130 12.34 -9.53 0.12
CA GLN A 130 13.39 -9.87 -0.82
C GLN A 130 14.16 -11.12 -0.37
N VAL A 131 14.50 -12.00 -1.31
CA VAL A 131 15.37 -13.10 -0.99
C VAL A 131 16.79 -12.74 -1.40
N ARG A 132 17.75 -12.97 -0.49
CA ARG A 132 19.19 -12.78 -0.77
C ARG A 132 19.95 -14.08 -0.59
N ASN A 133 21.16 -14.11 -1.13
CA ASN A 133 22.04 -15.26 -1.00
C ASN A 133 21.34 -16.51 -1.52
N HIS A 134 20.85 -16.44 -2.76
CA HIS A 134 20.19 -17.59 -3.38
C HIS A 134 21.03 -18.15 -4.51
N LYS A 135 21.16 -19.48 -4.54
CA LYS A 135 22.07 -20.13 -5.47
C LYS A 135 21.67 -20.01 -6.95
N TYR A 136 20.38 -19.82 -7.19
CA TYR A 136 19.81 -19.70 -8.53
C TYR A 136 18.74 -18.61 -8.49
N PRO A 137 18.37 -18.05 -9.66
CA PRO A 137 17.35 -16.98 -9.66
C PRO A 137 16.07 -17.45 -9.00
N VAL A 138 15.45 -16.57 -8.23
CA VAL A 138 14.20 -16.92 -7.57
C VAL A 138 13.08 -16.44 -8.48
N MET A 139 12.33 -17.40 -9.01
CA MET A 139 11.27 -17.09 -9.97
C MET A 139 9.94 -16.86 -9.27
N LYS A 140 9.76 -17.48 -8.11
CA LYS A 140 8.46 -17.49 -7.47
C LYS A 140 8.57 -17.51 -5.97
N MET A 141 7.69 -16.77 -5.30
CA MET A 141 7.55 -16.89 -3.86
C MET A 141 6.08 -16.91 -3.44
N GLU A 142 5.74 -17.90 -2.62
CA GLU A 142 4.38 -18.03 -2.11
C GLU A 142 4.40 -18.11 -0.59
N TYR A 143 3.36 -17.57 0.04
CA TYR A 143 3.15 -17.80 1.47
C TYR A 143 1.80 -18.48 1.70
N GLU A 144 1.68 -19.16 2.83
CA GLU A 144 0.46 -19.89 3.12
C GLU A 144 -0.43 -19.04 4.02
N LYS A 145 -1.69 -18.91 3.64
CA LYS A 145 -2.67 -18.21 4.47
C LYS A 145 -3.98 -19.02 4.54
N ASP A 146 -4.28 -19.50 5.74
CA ASP A 146 -5.50 -20.27 5.99
C ASP A 146 -5.64 -21.49 5.06
N GLY A 147 -4.56 -22.22 4.87
CA GLY A 147 -4.60 -23.47 4.13
C GLY A 147 -4.37 -23.39 2.64
N LYS A 148 -4.22 -22.18 2.12
CA LYS A 148 -3.97 -22.01 0.68
C LYS A 148 -2.67 -21.26 0.41
N TRP A 149 -2.02 -21.60 -0.68
CA TRP A 149 -0.79 -20.92 -1.05
C TRP A 149 -1.06 -19.72 -1.94
N ILE A 150 -0.61 -18.56 -1.48
CA ILE A 150 -0.84 -17.31 -2.20
C ILE A 150 0.43 -16.91 -2.94
N ASN A 151 0.28 -16.64 -4.23
CA ASN A 151 1.41 -16.17 -5.01
C ASN A 151 1.74 -14.71 -4.73
N MET A 152 3.03 -14.41 -4.57
CA MET A 152 3.48 -13.04 -4.38
C MET A 152 4.02 -12.49 -5.70
N GLU A 153 3.73 -11.22 -6.00
CA GLU A 153 4.22 -10.66 -7.25
C GLU A 153 5.64 -10.17 -7.07
N LYS A 154 6.54 -10.59 -7.94
CA LYS A 154 7.91 -10.09 -7.86
C LYS A 154 7.90 -8.71 -8.50
N MET A 155 8.51 -7.73 -7.84
CA MET A 155 8.49 -6.35 -8.30
C MET A 155 9.80 -6.00 -8.97
N ASP A 156 9.80 -4.89 -9.74
CA ASP A 156 11.00 -4.39 -10.41
C ASP A 156 12.14 -4.17 -9.43
N TYR A 157 11.77 -3.88 -8.17
CA TYR A 157 12.75 -3.63 -7.13
C TYR A 157 13.18 -4.89 -6.35
N ASN A 158 12.98 -6.06 -6.97
CA ASN A 158 13.53 -7.33 -6.46
C ASN A 158 13.06 -7.67 -5.03
N HIS A 159 11.81 -7.37 -4.74
CA HIS A 159 11.14 -7.89 -3.54
C HIS A 159 9.86 -8.57 -4.03
N PHE A 160 9.37 -9.56 -3.29
CA PHE A 160 8.06 -10.14 -3.59
C PHE A 160 7.01 -9.48 -2.71
N VAL A 161 5.88 -9.11 -3.31
CA VAL A 161 4.87 -8.31 -2.63
C VAL A 161 3.52 -9.04 -2.52
N SER A 162 2.89 -8.94 -1.36
CA SER A 162 1.49 -9.29 -1.22
C SER A 162 0.79 -8.37 -0.21
N THR A 163 -0.52 -8.56 -0.05
CA THR A 163 -1.32 -7.80 0.90
C THR A 163 -2.18 -8.73 1.78
N ASN A 164 -2.66 -8.20 2.91
CA ASN A 164 -3.46 -8.99 3.87
C ASN A 164 -2.86 -10.37 4.17
N LEU A 165 -1.58 -10.40 4.50
CA LEU A 165 -0.87 -11.66 4.64
C LEU A 165 -1.28 -12.39 5.91
N GLY A 166 -1.83 -11.65 6.87
CA GLY A 166 -2.27 -12.22 8.12
C GLY A 166 -1.29 -12.00 9.25
N THR A 167 -1.62 -12.55 10.42
CA THR A 167 -0.80 -12.42 11.62
C THR A 167 0.06 -13.66 11.76
N GLY A 168 1.00 -13.63 12.69
CA GLY A 168 1.85 -14.78 12.95
C GLY A 168 2.93 -15.01 11.89
N SER A 169 3.87 -15.89 12.21
CA SER A 169 4.97 -16.21 11.30
C SER A 169 4.47 -16.71 9.95
N LEU A 170 5.26 -16.45 8.91
CA LEU A 170 4.85 -16.80 7.55
C LEU A 170 5.53 -18.07 7.04
N LYS A 171 4.73 -19.02 6.58
CA LYS A 171 5.26 -20.17 5.87
C LYS A 171 5.41 -19.76 4.41
N VAL A 172 6.62 -19.88 3.88
CA VAL A 172 6.88 -19.47 2.51
C VAL A 172 7.45 -20.61 1.65
N ARG A 173 7.23 -20.56 0.35
CA ARG A 173 7.94 -21.48 -0.53
C ARG A 173 8.48 -20.73 -1.73
N MET A 174 9.73 -21.02 -2.07
CA MET A 174 10.43 -20.31 -3.12
C MET A 174 10.72 -21.29 -4.26
N THR A 175 10.56 -20.83 -5.49
CA THR A 175 10.84 -21.67 -6.65
C THR A 175 11.94 -21.03 -7.48
N ASP A 176 12.95 -21.81 -7.87
CA ASP A 176 14.04 -21.24 -8.65
C ASP A 176 13.82 -21.38 -10.14
N ILE A 177 14.78 -20.89 -10.93
CA ILE A 177 14.67 -20.90 -12.38
C ILE A 177 14.61 -22.32 -12.99
N ARG A 178 15.02 -23.33 -12.21
CA ARG A 178 15.00 -24.71 -12.68
C ARG A 178 13.71 -25.41 -12.29
N GLY A 179 12.87 -24.74 -11.51
CA GLY A 179 11.65 -25.34 -10.98
C GLY A 179 11.83 -26.01 -9.63
N LYS A 180 13.00 -25.87 -9.00
CA LYS A 180 13.20 -26.47 -7.67
C LYS A 180 12.48 -25.63 -6.63
N VAL A 181 11.78 -26.30 -5.70
CA VAL A 181 10.98 -25.63 -4.67
C VAL A 181 11.54 -25.92 -3.29
N VAL A 182 11.69 -24.90 -2.45
CA VAL A 182 12.06 -25.14 -1.05
C VAL A 182 11.14 -24.32 -0.17
N LYS A 183 11.03 -24.72 1.08
CA LYS A 183 10.08 -24.09 1.98
C LYS A 183 10.82 -23.57 3.19
N ASP A 184 10.25 -22.56 3.83
CA ASP A 184 10.91 -21.98 5.00
C ASP A 184 9.88 -21.27 5.86
N THR A 185 10.33 -20.77 7.02
CA THR A 185 9.47 -19.96 7.85
C THR A 185 10.13 -18.62 8.17
N ILE A 186 9.34 -17.56 8.04
CA ILE A 186 9.81 -16.22 8.35
C ILE A 186 9.00 -15.65 9.51
N PRO A 187 9.70 -15.04 10.50
CA PRO A 187 9.04 -14.49 11.70
C PRO A 187 7.91 -13.51 11.37
N LYS A 188 7.03 -13.30 12.33
CA LYS A 188 5.79 -12.55 12.10
C LYS A 188 6.03 -11.11 11.61
N LEU A 189 5.07 -10.61 10.84
CA LEU A 189 5.06 -9.21 10.42
C LEU A 189 4.32 -8.38 11.48
N PRO A 190 4.77 -7.13 11.69
CA PRO A 190 4.12 -6.26 12.68
C PRO A 190 2.74 -5.76 12.25
N GLU A 191 2.02 -5.16 13.19
CA GLU A 191 0.68 -4.65 12.92
C GLU A 191 0.77 -3.30 12.23
N SER A 192 1.82 -2.56 12.55
CA SER A 192 2.09 -1.28 11.93
C SER A 192 3.33 -1.40 11.05
N GLY A 193 3.35 -0.62 9.96
CA GLY A 193 4.46 -0.63 9.01
C GLY A 193 5.83 -0.45 9.65
N THR A 194 6.77 -1.31 9.28
CA THR A 194 8.12 -1.28 9.84
C THR A 194 8.80 0.01 9.48
N SER A 195 9.30 0.72 10.48
CA SER A 195 9.97 2.00 10.23
C SER A 195 11.29 1.81 9.48
N LYS A 196 11.95 0.67 9.68
CA LYS A 196 13.20 0.45 8.97
C LYS A 196 13.24 -0.94 8.32
N ALA A 197 13.89 -1.02 7.17
CA ALA A 197 14.11 -2.32 6.54
C ALA A 197 15.05 -3.14 7.42
N TYR A 198 14.84 -4.45 7.45
CA TYR A 198 15.74 -5.34 8.19
C TYR A 198 15.91 -6.67 7.49
N THR A 199 17.00 -7.35 7.82
CA THR A 199 17.27 -8.66 7.27
C THR A 199 17.00 -9.73 8.33
N VAL A 200 16.64 -10.92 7.86
CA VAL A 200 16.36 -12.08 8.71
C VAL A 200 17.05 -13.29 8.08
N PRO A 201 17.80 -14.05 8.88
CA PRO A 201 18.45 -15.25 8.32
C PRO A 201 17.39 -16.28 7.96
N GLY A 202 17.55 -16.92 6.80
CA GLY A 202 16.66 -18.00 6.40
C GLY A 202 17.27 -19.34 6.78
N HIS A 203 16.56 -20.42 6.50
CA HIS A 203 17.05 -21.75 6.92
C HIS A 203 16.98 -22.77 5.82
N VAL A 204 17.05 -22.31 4.57
CA VAL A 204 16.91 -23.21 3.44
C VAL A 204 17.66 -22.63 2.22
N GLN A 205 18.01 -23.47 1.26
CA GLN A 205 18.75 -23.03 0.09
C GLN A 205 18.28 -23.87 -1.09
N PHE A 206 18.31 -23.32 -2.30
CA PHE A 206 18.04 -24.15 -3.46
C PHE A 206 19.09 -25.26 -3.53
N PRO A 207 18.70 -26.45 -4.02
CA PRO A 207 19.69 -27.53 -4.16
C PRO A 207 20.78 -27.16 -5.14
N GLU A 208 21.93 -27.81 -4.99
CA GLU A 208 23.08 -27.57 -5.84
C GLU A 208 22.75 -27.61 -7.33
N ALA B 2 -36.80 12.75 -5.25
CA ALA B 2 -35.98 13.66 -6.04
C ALA B 2 -35.29 14.76 -5.23
N TYR B 3 -36.01 15.82 -4.87
CA TYR B 3 -35.37 16.99 -4.24
C TYR B 3 -34.60 16.72 -2.93
N ASP B 4 -35.31 16.42 -1.85
CA ASP B 4 -34.64 16.17 -0.56
C ASP B 4 -35.42 15.17 0.33
N ASP B 5 -35.58 13.94 -0.16
CA ASP B 5 -36.49 12.98 0.43
C ASP B 5 -36.10 12.55 1.85
N LEU B 6 -37.12 12.24 2.65
CA LEU B 6 -36.89 11.57 3.93
C LEU B 6 -36.65 10.09 3.71
N HIS B 7 -35.95 9.44 4.63
CA HIS B 7 -35.86 7.98 4.56
C HIS B 7 -36.56 7.36 5.75
N GLU B 8 -37.50 6.48 5.48
CA GLU B 8 -38.22 5.80 6.54
C GLU B 8 -37.41 4.58 6.98
N GLY B 9 -37.34 4.36 8.28
CA GLY B 9 -36.73 3.15 8.79
C GLY B 9 -37.04 2.99 10.28
N TYR B 10 -36.22 2.23 10.99
CA TYR B 10 -36.38 2.13 12.44
C TYR B 10 -35.15 2.65 13.16
N ALA B 11 -35.34 3.11 14.39
CA ALA B 11 -34.21 3.41 15.24
C ALA B 11 -34.19 2.47 16.45
N THR B 12 -33.00 2.05 16.86
CA THR B 12 -32.78 1.44 18.17
C THR B 12 -31.82 2.39 18.87
N TYR B 13 -31.33 2.02 20.05
CA TYR B 13 -30.31 2.83 20.72
C TYR B 13 -29.17 1.99 21.28
N THR B 14 -28.04 2.66 21.52
CA THR B 14 -26.80 2.01 21.96
C THR B 14 -25.92 3.07 22.59
N GLY B 15 -24.97 2.64 23.42
CA GLY B 15 -23.96 3.54 23.95
C GLY B 15 -22.62 3.39 23.26
N SER B 16 -22.56 2.62 22.18
CA SER B 16 -21.28 2.25 21.56
C SER B 16 -20.65 3.26 20.59
N GLY B 17 -21.37 4.29 20.19
CA GLY B 17 -20.78 5.17 19.18
C GLY B 17 -19.69 6.16 19.60
N TYR B 18 -19.50 6.33 20.91
CA TYR B 18 -18.68 7.41 21.46
C TYR B 18 -17.18 7.18 21.39
N SER B 19 -16.79 5.91 21.37
CA SER B 19 -15.38 5.56 21.36
C SER B 19 -15.20 4.31 20.53
N GLY B 20 -14.20 4.32 19.66
CA GLY B 20 -13.86 3.13 18.91
C GLY B 20 -14.72 2.94 17.68
N GLY B 21 -15.48 3.96 17.30
CA GLY B 21 -16.34 3.86 16.12
C GLY B 21 -15.59 3.60 14.83
N ALA B 22 -16.27 3.02 13.85
CA ALA B 22 -15.65 2.64 12.57
C ALA B 22 -15.08 3.82 11.78
N PHE B 23 -15.57 5.03 12.02
CA PHE B 23 -15.18 6.17 11.20
C PHE B 23 -14.03 6.98 11.79
N LEU B 24 -13.48 6.49 12.90
CA LEU B 24 -12.29 7.07 13.51
C LEU B 24 -12.47 8.56 13.74
N LEU B 25 -13.56 8.92 14.40
CA LEU B 25 -13.89 10.33 14.59
C LEU B 25 -13.64 10.79 16.02
N ASP B 26 -13.04 9.91 16.82
CA ASP B 26 -12.75 10.20 18.24
C ASP B 26 -11.84 11.42 18.42
N PRO B 27 -11.91 12.09 19.57
CA PRO B 27 -12.87 11.86 20.66
C PRO B 27 -14.25 12.48 20.39
N ILE B 28 -15.28 11.81 20.86
CA ILE B 28 -16.64 12.29 20.77
C ILE B 28 -17.10 12.71 22.15
N PRO B 29 -17.44 14.00 22.34
CA PRO B 29 -17.93 14.40 23.65
C PRO B 29 -19.20 13.65 24.02
N SER B 30 -19.33 13.33 25.30
CA SER B 30 -20.42 12.49 25.81
C SER B 30 -21.81 13.12 25.72
N ASP B 31 -21.90 14.44 25.66
CA ASP B 31 -23.21 15.08 25.53
C ASP B 31 -23.62 15.21 24.06
N MET B 32 -22.78 14.69 23.17
CA MET B 32 -23.13 14.72 21.78
C MET B 32 -24.26 13.73 21.48
N GLU B 33 -25.11 14.08 20.52
CA GLU B 33 -26.14 13.18 20.04
C GLU B 33 -25.56 12.55 18.79
N ILE B 34 -25.45 11.22 18.79
CA ILE B 34 -24.80 10.54 17.69
C ILE B 34 -25.62 9.35 17.24
N THR B 35 -25.16 8.67 16.18
CA THR B 35 -25.81 7.47 15.70
C THR B 35 -24.82 6.60 14.94
N ALA B 36 -25.12 5.30 14.89
CA ALA B 36 -24.51 4.42 13.91
C ALA B 36 -25.49 4.31 12.75
N ILE B 37 -24.99 4.03 11.56
CA ILE B 37 -25.85 3.95 10.37
C ILE B 37 -25.68 2.62 9.62
N ASN B 38 -26.77 2.08 9.13
CA ASN B 38 -26.73 0.80 8.41
C ASN B 38 -25.84 0.90 7.15
N PRO B 39 -25.26 -0.23 6.71
CA PRO B 39 -24.31 -0.16 5.58
C PRO B 39 -24.88 0.33 4.27
N ALA B 40 -26.11 -0.06 3.91
CA ALA B 40 -26.63 0.32 2.60
C ALA B 40 -26.71 1.85 2.46
N ASP B 41 -27.29 2.50 3.46
CA ASP B 41 -27.36 3.96 3.45
C ASP B 41 -26.01 4.63 3.68
N LEU B 42 -25.16 4.05 4.53
CA LEU B 42 -23.81 4.59 4.72
C LEU B 42 -23.05 4.74 3.41
N ASN B 43 -23.09 3.70 2.58
CA ASN B 43 -22.26 3.66 1.38
C ASN B 43 -22.99 4.20 0.13
N TYR B 44 -23.73 5.30 0.34
CA TYR B 44 -24.44 5.95 -0.73
C TYR B 44 -23.53 6.22 -1.92
N GLY B 45 -24.07 6.01 -3.11
CA GLY B 45 -23.37 6.29 -4.35
C GLY B 45 -22.19 5.36 -4.61
N GLY B 46 -22.14 4.24 -3.91
CA GLY B 46 -21.03 3.32 -4.08
C GLY B 46 -19.74 3.84 -3.45
N VAL B 47 -19.86 4.82 -2.57
CA VAL B 47 -18.69 5.36 -1.90
C VAL B 47 -18.69 4.86 -0.46
N LYS B 48 -17.68 4.09 -0.08
CA LYS B 48 -17.59 3.55 1.28
C LYS B 48 -17.53 4.69 2.28
N ALA B 49 -18.33 4.60 3.35
CA ALA B 49 -18.36 5.64 4.39
C ALA B 49 -18.75 7.01 3.83
N ALA B 50 -19.51 7.00 2.72
CA ALA B 50 -20.02 8.24 2.14
C ALA B 50 -20.66 9.13 3.22
N LEU B 51 -21.47 8.52 4.09
CA LEU B 51 -22.22 9.30 5.07
C LEU B 51 -21.52 9.44 6.42
N ALA B 52 -20.27 9.00 6.53
CA ALA B 52 -19.52 9.14 7.78
C ALA B 52 -19.30 10.61 8.13
N GLY B 53 -19.63 10.99 9.37
CA GLY B 53 -19.45 12.37 9.80
C GLY B 53 -20.47 13.32 9.21
N SER B 54 -21.52 12.76 8.63
CA SER B 54 -22.66 13.57 8.22
C SER B 54 -23.50 13.83 9.47
N TYR B 55 -24.47 14.72 9.35
CA TYR B 55 -25.48 14.89 10.40
C TYR B 55 -26.83 14.55 9.81
N LEU B 56 -27.64 13.85 10.59
CA LEU B 56 -29.00 13.48 10.16
C LEU B 56 -30.04 14.14 11.04
N GLU B 57 -31.08 14.68 10.42
CA GLU B 57 -32.26 15.04 11.20
C GLU B 57 -33.18 13.82 11.29
N VAL B 58 -33.52 13.42 12.51
CA VAL B 58 -34.28 12.20 12.73
C VAL B 58 -35.60 12.51 13.44
N GLU B 59 -36.73 12.20 12.82
CA GLU B 59 -38.01 12.34 13.52
C GLU B 59 -38.58 11.00 13.97
N GLY B 60 -39.00 10.96 15.23
CA GLY B 60 -39.60 9.78 15.83
C GLY B 60 -41.00 10.13 16.26
N PRO B 61 -41.72 9.19 16.90
CA PRO B 61 -43.09 9.46 17.33
C PRO B 61 -43.19 10.66 18.28
N LYS B 62 -42.13 10.96 19.02
CA LYS B 62 -42.23 11.96 20.08
C LYS B 62 -41.64 13.30 19.69
N GLY B 63 -40.83 13.35 18.63
CA GLY B 63 -40.23 14.61 18.23
C GLY B 63 -39.13 14.46 17.20
N LYS B 64 -38.27 15.48 17.09
CA LYS B 64 -37.19 15.49 16.10
C LYS B 64 -35.89 15.92 16.76
N THR B 65 -34.79 15.40 16.24
CA THR B 65 -33.46 15.81 16.71
C THR B 65 -32.41 15.59 15.64
N THR B 66 -31.22 16.15 15.86
CA THR B 66 -30.13 16.01 14.90
C THR B 66 -28.97 15.22 15.51
N VAL B 67 -28.42 14.27 14.76
CA VAL B 67 -27.37 13.40 15.28
C VAL B 67 -26.17 13.38 14.34
N TYR B 68 -24.99 13.16 14.91
CA TYR B 68 -23.71 13.07 14.19
C TYR B 68 -23.42 11.60 13.90
N VAL B 69 -23.08 11.27 12.66
CA VAL B 69 -22.86 9.87 12.29
C VAL B 69 -21.41 9.43 12.55
N THR B 70 -21.21 8.59 13.56
CA THR B 70 -19.86 8.24 14.01
C THR B 70 -19.47 6.78 13.78
N ASP B 71 -20.44 5.94 13.47
CA ASP B 71 -20.19 4.50 13.44
C ASP B 71 -21.05 3.75 12.43
N LEU B 72 -20.59 2.55 12.08
CA LEU B 72 -21.34 1.62 11.28
C LEU B 72 -22.29 0.81 12.19
N TYR B 73 -23.52 0.58 11.71
CA TYR B 73 -24.52 -0.30 12.33
C TYR B 73 -24.62 -1.57 11.49
N PRO B 74 -23.70 -2.53 11.71
CA PRO B 74 -23.46 -3.67 10.82
C PRO B 74 -24.69 -4.51 10.52
N GLU B 75 -25.55 -4.71 11.50
CA GLU B 75 -26.69 -5.61 11.34
C GLU B 75 -27.95 -4.83 10.97
N GLY B 76 -27.82 -3.51 10.82
CA GLY B 76 -28.94 -2.64 10.53
C GLY B 76 -29.49 -2.88 9.13
N ALA B 77 -30.81 -2.87 9.01
CA ALA B 77 -31.45 -2.99 7.71
C ALA B 77 -31.42 -1.63 7.05
N ARG B 78 -31.80 -1.59 5.78
CA ARG B 78 -31.93 -0.31 5.06
C ARG B 78 -32.86 0.61 5.84
N GLY B 79 -32.47 1.88 5.95
CA GLY B 79 -33.23 2.84 6.73
C GLY B 79 -32.92 2.92 8.22
N ALA B 80 -32.31 1.87 8.77
CA ALA B 80 -32.08 1.77 10.22
C ALA B 80 -30.94 2.61 10.80
N LEU B 81 -31.21 3.24 11.95
CA LEU B 81 -30.21 3.97 12.74
C LEU B 81 -30.11 3.41 14.15
N ASP B 82 -28.91 3.46 14.73
CA ASP B 82 -28.70 3.07 16.12
C ASP B 82 -28.22 4.31 16.87
N LEU B 83 -29.15 5.00 17.53
CA LEU B 83 -28.91 6.32 18.13
C LEU B 83 -28.32 6.24 19.55
N SER B 84 -27.55 7.24 19.96
CA SER B 84 -27.22 7.35 21.38
C SER B 84 -28.51 7.63 22.16
N PRO B 85 -28.58 7.17 23.42
CA PRO B 85 -29.86 7.23 24.15
C PRO B 85 -30.31 8.66 24.45
N ASN B 86 -29.36 9.59 24.56
CA ASN B 86 -29.70 10.99 24.76
C ASN B 86 -30.41 11.58 23.53
N ALA B 87 -30.17 10.98 22.37
CA ALA B 87 -30.89 11.40 21.18
C ALA B 87 -32.23 10.66 21.09
N PHE B 88 -32.20 9.34 21.25
CA PHE B 88 -33.40 8.50 21.16
C PHE B 88 -34.52 9.01 22.10
N ARG B 89 -34.14 9.38 23.32
CA ARG B 89 -35.12 9.81 24.31
C ARG B 89 -35.85 11.07 23.89
N LYS B 90 -35.23 11.87 23.03
CA LYS B 90 -35.88 13.08 22.54
C LYS B 90 -36.96 12.77 21.51
N ILE B 91 -36.90 11.61 20.89
CA ILE B 91 -37.83 11.33 19.80
C ILE B 91 -38.71 10.09 20.01
N GLY B 92 -38.41 9.30 21.03
CA GLY B 92 -39.17 8.09 21.28
C GLY B 92 -39.12 7.69 22.74
N ASN B 93 -39.96 6.74 23.11
CA ASN B 93 -39.95 6.17 24.45
C ASN B 93 -38.94 5.03 24.50
N MET B 94 -38.03 5.06 25.46
CA MET B 94 -37.01 4.03 25.54
C MET B 94 -37.50 2.67 26.01
N LYS B 95 -38.76 2.60 26.49
CA LYS B 95 -39.35 1.32 26.88
C LYS B 95 -39.69 0.50 25.65
N ASP B 96 -39.84 1.20 24.53
CA ASP B 96 -39.86 0.58 23.20
C ASP B 96 -38.42 0.54 22.75
N GLY B 97 -37.90 -0.64 22.49
CA GLY B 97 -36.50 -0.74 22.09
C GLY B 97 -36.29 -0.22 20.67
N LYS B 98 -37.39 -0.15 19.92
CA LYS B 98 -37.33 0.15 18.50
C LYS B 98 -38.51 1.06 18.12
N ILE B 99 -38.23 2.09 17.32
CA ILE B 99 -39.27 3.02 16.88
C ILE B 99 -39.18 3.30 15.38
N ASN B 100 -40.33 3.62 14.78
CA ASN B 100 -40.40 4.07 13.39
C ASN B 100 -39.82 5.46 13.26
N ILE B 101 -38.93 5.66 12.29
CA ILE B 101 -38.38 6.99 12.06
C ILE B 101 -38.41 7.43 10.60
N LYS B 102 -38.28 8.74 10.39
CA LYS B 102 -37.91 9.27 9.08
C LYS B 102 -36.71 10.18 9.29
N TRP B 103 -35.75 10.13 8.37
CA TRP B 103 -34.54 10.90 8.53
C TRP B 103 -33.98 11.35 7.19
N ARG B 104 -33.15 12.38 7.25
CA ARG B 104 -32.39 12.80 6.08
C ARG B 104 -31.11 13.47 6.53
N VAL B 105 -30.15 13.49 5.62
CA VAL B 105 -28.92 14.26 5.78
C VAL B 105 -29.25 15.75 5.87
N VAL B 106 -28.64 16.48 6.81
CA VAL B 106 -28.78 17.93 6.84
C VAL B 106 -27.42 18.61 6.96
N LYS B 107 -27.41 19.93 6.78
CA LYS B 107 -26.20 20.71 6.95
C LYS B 107 -25.72 20.56 8.39
N ALA B 108 -24.41 20.38 8.57
CA ALA B 108 -23.83 20.23 9.90
C ALA B 108 -24.00 21.52 10.72
N PRO B 109 -24.40 21.40 11.99
CA PRO B 109 -24.49 22.65 12.77
C PRO B 109 -23.10 23.00 13.31
N ILE B 110 -22.19 23.31 12.40
CA ILE B 110 -20.80 23.59 12.76
C ILE B 110 -20.38 24.92 12.16
N THR B 111 -19.25 25.44 12.60
CA THR B 111 -18.64 26.60 11.96
C THR B 111 -17.19 26.26 11.59
N GLY B 112 -16.55 27.15 10.87
CA GLY B 112 -15.15 27.00 10.54
C GLY B 112 -14.88 26.15 9.30
N ASN B 113 -13.60 25.77 9.14
CA ASN B 113 -13.12 25.06 7.97
C ASN B 113 -13.00 23.56 8.23
N PHE B 114 -12.73 22.79 7.18
CA PHE B 114 -12.33 21.40 7.36
C PHE B 114 -11.06 21.38 8.22
N THR B 115 -10.86 20.25 8.87
CA THR B 115 -9.60 19.88 9.48
C THR B 115 -9.28 18.52 8.87
N TYR B 116 -8.04 18.34 8.43
CA TYR B 116 -7.62 17.05 7.89
C TYR B 116 -6.85 16.26 8.92
N ARG B 117 -7.00 14.95 8.90
CA ARG B 117 -6.19 14.08 9.74
C ARG B 117 -5.44 13.14 8.82
N ILE B 118 -4.13 13.13 8.94
CA ILE B 118 -3.30 12.26 8.14
C ILE B 118 -2.95 11.05 8.99
N LYS B 119 -3.38 9.87 8.53
CA LYS B 119 -3.34 8.68 9.35
C LYS B 119 -1.91 8.21 9.57
N GLU B 120 -1.65 7.57 10.72
CA GLU B 120 -0.35 6.98 11.00
C GLU B 120 0.02 6.05 9.85
N GLY B 121 1.30 6.01 9.50
CA GLY B 121 1.75 5.18 8.40
C GLY B 121 1.72 5.87 7.04
N SER B 122 1.13 7.05 6.99
CA SER B 122 1.07 7.81 5.74
C SER B 122 2.42 8.38 5.33
N SER B 123 2.64 8.41 4.02
CA SER B 123 3.87 8.92 3.44
C SER B 123 3.55 9.33 2.02
N ARG B 124 4.57 9.72 1.25
CA ARG B 124 4.34 10.06 -0.14
C ARG B 124 4.05 8.80 -0.96
N TRP B 125 4.38 7.64 -0.40
CA TRP B 125 4.14 6.37 -1.09
C TRP B 125 2.70 5.89 -0.93
N TRP B 126 2.14 6.11 0.26
CA TRP B 126 0.78 5.69 0.56
C TRP B 126 0.27 6.63 1.65
N ALA B 127 -0.93 7.18 1.48
CA ALA B 127 -1.51 8.04 2.51
C ALA B 127 -3.01 7.84 2.67
N ALA B 128 -3.48 8.03 3.89
CA ALA B 128 -4.89 8.01 4.20
C ALA B 128 -5.25 9.34 4.84
N ILE B 129 -6.13 10.09 4.19
CA ILE B 129 -6.47 11.43 4.64
C ILE B 129 -7.94 11.50 5.01
N GLN B 130 -8.20 11.85 6.26
CA GLN B 130 -9.57 12.02 6.75
C GLN B 130 -9.95 13.48 6.74
N VAL B 131 -11.18 13.76 6.32
CA VAL B 131 -11.71 15.11 6.45
C VAL B 131 -12.64 15.16 7.66
N ARG B 132 -12.41 16.14 8.54
CA ARG B 132 -13.33 16.38 9.65
C ARG B 132 -13.97 17.77 9.55
N ASN B 133 -14.99 18.02 10.37
CA ASN B 133 -15.67 19.31 10.42
C ASN B 133 -16.15 19.73 9.03
N HIS B 134 -16.86 18.82 8.35
CA HIS B 134 -17.42 19.13 7.03
C HIS B 134 -18.94 19.31 7.08
N LYS B 135 -19.43 20.35 6.39
CA LYS B 135 -20.85 20.73 6.50
C LYS B 135 -21.83 19.74 5.86
N TYR B 136 -21.37 19.00 4.86
CA TYR B 136 -22.18 17.98 4.18
C TYR B 136 -21.28 16.77 3.98
N PRO B 137 -21.87 15.61 3.62
CA PRO B 137 -21.01 14.43 3.42
C PRO B 137 -19.95 14.67 2.33
N VAL B 138 -18.73 14.20 2.58
CA VAL B 138 -17.66 14.32 1.59
C VAL B 138 -17.76 13.11 0.66
N MET B 139 -18.26 13.32 -0.55
CA MET B 139 -18.44 12.23 -1.50
C MET B 139 -17.16 11.87 -2.24
N LYS B 140 -16.25 12.83 -2.37
CA LYS B 140 -15.10 12.60 -3.23
C LYS B 140 -13.95 13.46 -2.78
N MET B 141 -12.74 12.95 -2.95
CA MET B 141 -11.53 13.75 -2.71
C MET B 141 -10.47 13.38 -3.73
N GLU B 142 -9.93 14.42 -4.37
CA GLU B 142 -8.93 14.24 -5.41
C GLU B 142 -7.70 15.08 -5.08
N TYR B 143 -6.55 14.65 -5.59
CA TYR B 143 -5.34 15.47 -5.48
C TYR B 143 -4.70 15.61 -6.85
N GLU B 144 -3.96 16.69 -7.03
CA GLU B 144 -3.33 16.96 -8.31
C GLU B 144 -1.92 16.39 -8.35
N LYS B 145 -1.60 15.75 -9.47
CA LYS B 145 -0.25 15.25 -9.69
C LYS B 145 0.08 15.48 -11.15
N ASP B 146 1.15 16.23 -11.40
CA ASP B 146 1.57 16.51 -12.77
C ASP B 146 0.41 17.02 -13.62
N GLY B 147 -0.35 17.97 -13.07
CA GLY B 147 -1.42 18.62 -13.79
C GLY B 147 -2.65 17.76 -13.99
N LYS B 148 -2.68 16.58 -13.38
CA LYS B 148 -3.85 15.71 -13.49
C LYS B 148 -4.48 15.43 -12.14
N TRP B 149 -5.80 15.38 -12.10
CA TRP B 149 -6.53 15.10 -10.87
C TRP B 149 -6.76 13.59 -10.66
N ILE B 150 -6.21 13.06 -9.56
CA ILE B 150 -6.31 11.65 -9.24
C ILE B 150 -7.39 11.44 -8.18
N ASN B 151 -8.32 10.53 -8.44
CA ASN B 151 -9.36 10.22 -7.47
C ASN B 151 -8.80 9.35 -6.34
N MET B 152 -9.14 9.69 -5.10
CA MET B 152 -8.72 8.91 -3.94
C MET B 152 -9.88 8.04 -3.51
N GLU B 153 -9.61 6.78 -3.23
CA GLU B 153 -10.70 5.89 -2.84
C GLU B 153 -11.10 6.11 -1.38
N LYS B 154 -12.38 6.35 -1.10
CA LYS B 154 -12.81 6.45 0.30
C LYS B 154 -12.90 5.07 0.92
N MET B 155 -12.26 4.88 2.07
CA MET B 155 -12.31 3.58 2.77
C MET B 155 -13.42 3.51 3.84
N ASP B 156 -13.72 2.30 4.27
CA ASP B 156 -14.68 2.00 5.32
C ASP B 156 -14.37 2.75 6.61
N TYR B 157 -13.10 3.06 6.82
CA TYR B 157 -12.69 3.80 8.02
C TYR B 157 -12.61 5.31 7.81
N ASN B 158 -13.39 5.83 6.87
CA ASN B 158 -13.58 7.28 6.74
C ASN B 158 -12.29 8.10 6.51
N HIS B 159 -11.40 7.56 5.68
CA HIS B 159 -10.23 8.27 5.18
C HIS B 159 -10.21 8.02 3.69
N PHE B 160 -9.67 8.98 2.93
CA PHE B 160 -9.45 8.82 1.51
C PHE B 160 -8.00 8.37 1.29
N VAL B 161 -7.82 7.43 0.37
CA VAL B 161 -6.54 6.76 0.19
C VAL B 161 -6.01 6.84 -1.25
N SER B 162 -4.70 7.06 -1.38
CA SER B 162 -4.02 6.88 -2.66
C SER B 162 -2.57 6.46 -2.43
N THR B 163 -1.85 6.27 -3.53
CA THR B 163 -0.44 5.90 -3.48
C THR B 163 0.35 6.80 -4.42
N ASN B 164 1.66 6.87 -4.21
CA ASN B 164 2.53 7.57 -5.13
C ASN B 164 2.08 9.01 -5.31
N LEU B 165 1.89 9.71 -4.21
CA LEU B 165 1.25 11.02 -4.23
C LEU B 165 2.22 12.11 -4.68
N GLY B 166 3.51 11.79 -4.65
CA GLY B 166 4.53 12.72 -5.08
C GLY B 166 5.09 13.55 -3.94
N THR B 167 6.04 14.42 -4.28
CA THR B 167 6.70 15.28 -3.32
C THR B 167 6.03 16.66 -3.34
N GLY B 168 6.42 17.54 -2.42
CA GLY B 168 5.83 18.87 -2.39
C GLY B 168 4.40 18.89 -1.90
N SER B 169 3.86 20.10 -1.69
CA SER B 169 2.52 20.23 -1.12
C SER B 169 1.43 19.61 -2.01
N LEU B 170 0.42 19.02 -1.38
CA LEU B 170 -0.71 18.42 -2.10
C LEU B 170 -1.84 19.43 -2.28
N LYS B 171 -2.19 19.68 -3.53
CA LYS B 171 -3.36 20.50 -3.82
C LYS B 171 -4.54 19.54 -3.97
N VAL B 172 -5.58 19.74 -3.16
CA VAL B 172 -6.67 18.77 -3.08
C VAL B 172 -8.00 19.41 -3.40
N ARG B 173 -8.96 18.60 -3.83
CA ARG B 173 -10.31 19.10 -4.00
C ARG B 173 -11.35 18.09 -3.51
N MET B 174 -12.36 18.62 -2.84
CA MET B 174 -13.32 17.80 -2.13
C MET B 174 -14.70 18.07 -2.71
N THR B 175 -15.47 17.01 -2.94
CA THR B 175 -16.81 17.17 -3.49
C THR B 175 -17.84 16.70 -2.50
N ASP B 176 -18.86 17.52 -2.25
CA ASP B 176 -19.91 17.13 -1.33
C ASP B 176 -21.04 16.37 -2.01
N ILE B 177 -22.02 15.98 -1.22
CA ILE B 177 -23.14 15.20 -1.72
C ILE B 177 -24.07 16.02 -2.63
N ARG B 178 -23.89 17.33 -2.65
CA ARG B 178 -24.71 18.18 -3.51
C ARG B 178 -23.97 18.42 -4.82
N GLY B 179 -22.74 17.93 -4.91
CA GLY B 179 -21.92 18.16 -6.08
C GLY B 179 -21.08 19.43 -6.00
N LYS B 180 -21.03 20.03 -4.82
CA LYS B 180 -20.21 21.23 -4.61
C LYS B 180 -18.74 20.85 -4.44
N VAL B 181 -17.87 21.58 -5.13
CA VAL B 181 -16.43 21.30 -5.11
C VAL B 181 -15.69 22.46 -4.45
N VAL B 182 -14.80 22.14 -3.52
CA VAL B 182 -13.95 23.17 -2.92
C VAL B 182 -12.50 22.67 -2.94
N LYS B 183 -11.56 23.59 -3.05
CA LYS B 183 -10.15 23.24 -3.22
C LYS B 183 -9.31 23.72 -2.05
N ASP B 184 -8.25 22.98 -1.73
CA ASP B 184 -7.40 23.34 -0.60
C ASP B 184 -5.99 22.83 -0.86
N THR B 185 -5.10 23.10 0.07
CA THR B 185 -3.73 22.60 0.00
C THR B 185 -3.33 21.96 1.32
N ILE B 186 -2.74 20.77 1.23
CA ILE B 186 -2.21 20.09 2.40
C ILE B 186 -0.70 20.11 2.26
N PRO B 187 0.02 20.44 3.34
CA PRO B 187 1.49 20.52 3.21
C PRO B 187 2.11 19.16 2.88
N LYS B 188 3.31 19.15 2.34
CA LYS B 188 3.90 17.91 1.83
C LYS B 188 3.93 16.78 2.86
N LEU B 189 3.63 15.58 2.39
CA LEU B 189 3.63 14.39 3.23
C LEU B 189 5.07 14.01 3.57
N PRO B 190 5.25 13.20 4.63
CA PRO B 190 6.63 12.86 4.94
C PRO B 190 7.21 11.80 4.01
N GLU B 191 8.54 11.79 3.97
CA GLU B 191 9.38 10.85 3.24
C GLU B 191 9.06 9.39 3.55
N SER B 192 9.00 9.08 4.85
CA SER B 192 8.73 7.74 5.31
C SER B 192 7.45 7.78 6.15
N GLY B 193 6.77 6.65 6.26
CA GLY B 193 5.51 6.60 7.00
C GLY B 193 5.58 7.26 8.37
N THR B 194 4.58 8.08 8.68
CA THR B 194 4.53 8.73 9.98
C THR B 194 4.12 7.72 11.06
N SER B 195 4.68 7.87 12.26
CA SER B 195 4.42 6.91 13.33
C SER B 195 3.18 7.32 14.09
N LYS B 196 2.74 8.56 13.86
CA LYS B 196 1.60 9.10 14.55
C LYS B 196 0.70 9.80 13.54
N ALA B 197 -0.61 9.63 13.67
CA ALA B 197 -1.56 10.46 12.94
C ALA B 197 -1.32 11.92 13.31
N TYR B 198 -1.50 12.80 12.35
CA TYR B 198 -1.38 14.22 12.65
C TYR B 198 -2.46 15.05 12.00
N THR B 199 -2.63 16.26 12.51
CA THR B 199 -3.74 17.13 12.15
C THR B 199 -3.28 18.26 11.24
N VAL B 200 -4.08 18.58 10.23
CA VAL B 200 -3.82 19.78 9.42
C VAL B 200 -5.08 20.61 9.35
N PRO B 201 -5.08 21.76 10.03
CA PRO B 201 -6.22 22.68 9.98
C PRO B 201 -6.44 23.10 8.53
N GLY B 202 -7.66 23.00 8.03
CA GLY B 202 -7.91 23.29 6.61
C GLY B 202 -8.25 24.73 6.35
N HIS B 203 -8.47 25.09 5.08
CA HIS B 203 -8.74 26.48 4.73
C HIS B 203 -9.97 26.67 3.86
N VAL B 204 -10.81 25.64 3.74
CA VAL B 204 -12.09 25.79 3.07
C VAL B 204 -13.18 25.03 3.77
N GLN B 205 -14.41 25.30 3.34
CA GLN B 205 -15.59 24.62 3.83
C GLN B 205 -16.54 24.52 2.64
N PHE B 206 -17.40 23.51 2.62
CA PHE B 206 -18.43 23.46 1.59
C PHE B 206 -19.34 24.66 1.75
N PRO B 207 -19.94 25.13 0.65
CA PRO B 207 -20.87 26.27 0.76
C PRO B 207 -22.11 25.92 1.59
N GLU B 208 -22.81 26.93 2.09
CA GLU B 208 -24.04 26.73 2.85
C GLU B 208 -25.04 25.90 2.06
#